data_4IR5
#
_entry.id   4IR5
#
_cell.length_a   82.090
_cell.length_b   96.520
_cell.length_c   57.580
_cell.angle_alpha   90.00
_cell.angle_beta   90.00
_cell.angle_gamma   90.00
#
_symmetry.space_group_name_H-M   'C 2 2 21'
#
loop_
_entity.id
_entity.type
_entity.pdbx_description
1 polymer 'Bromodomain adjacent to zinc finger domain protein 2B'
2 non-polymer 1,2-ETHANEDIOL
3 non-polymer 1-{1-[2-(hydroxymethyl)phenyl]-7-phenoxyindolizin-3-yl}ethanone
4 water water
#
_entity_poly.entity_id   1
_entity_poly.type   'polypeptide(L)'
_entity_poly.pdbx_seq_one_letter_code
;SMSVKKPKRDDSKDLALCSMILTEMETHEDAWPFLLPVNLKLVPGYKKVIKKPMDFSTIREKLSSGQYPNLETFALDVRL
VFDNCETFNEDDSDIGRAGHNMRKYFEKKWTDTFKVS
;
_entity_poly.pdbx_strand_id   A
#
loop_
_chem_comp.id
_chem_comp.type
_chem_comp.name
_chem_comp.formula
EDO non-polymer 1,2-ETHANEDIOL 'C2 H6 O2'
IR5 non-polymer 1-{1-[2-(hydroxymethyl)phenyl]-7-phenoxyindolizin-3-yl}ethanone 'C23 H19 N O3'
#
# COMPACT_ATOMS: atom_id res chain seq x y z
N SER A 1 22.43 22.08 -1.40
CA SER A 1 22.07 23.39 -0.84
C SER A 1 21.86 24.35 -2.01
N MET A 2 21.72 25.64 -1.71
CA MET A 2 21.38 26.62 -2.73
C MET A 2 22.37 26.60 -3.91
N SER A 3 21.83 26.24 -5.07
CA SER A 3 22.57 26.22 -6.33
C SER A 3 23.62 25.07 -6.43
N VAL A 4 23.47 24.09 -5.56
CA VAL A 4 24.37 22.93 -5.55
C VAL A 4 23.42 21.75 -5.71
N LYS A 5 23.33 21.24 -6.93
CA LYS A 5 22.37 20.17 -7.24
C LYS A 5 22.97 18.80 -7.09
N LYS A 6 22.24 17.98 -6.36
CA LYS A 6 22.61 16.64 -6.02
C LYS A 6 22.03 15.75 -7.12
N PRO A 7 22.75 14.70 -7.50
CA PRO A 7 22.22 13.70 -8.37
C PRO A 7 20.93 13.13 -7.78
N LYS A 8 19.98 12.90 -8.65
CA LYS A 8 18.68 12.34 -8.27
C LYS A 8 18.33 11.20 -9.20
N ARG A 9 17.73 10.16 -8.65
CA ARG A 9 17.25 9.05 -9.45
C ARG A 9 16.19 9.48 -10.46
N ASP A 10 16.10 8.74 -11.56
CA ASP A 10 15.12 8.99 -12.63
C ASP A 10 13.76 8.55 -12.15
N ASP A 11 12.85 9.51 -11.91
CA ASP A 11 11.53 9.15 -11.38
C ASP A 11 10.43 9.11 -12.46
N SER A 12 10.82 9.20 -13.72
CA SER A 12 9.85 9.36 -14.81
C SER A 12 8.88 8.18 -14.97
N LYS A 13 9.29 6.97 -14.60
CA LYS A 13 8.46 5.74 -14.74
CA LYS A 13 8.45 5.77 -14.75
C LYS A 13 7.76 5.34 -13.45
N ASP A 14 7.96 6.09 -12.38
CA ASP A 14 7.45 5.72 -11.10
C ASP A 14 5.93 5.49 -11.11
N LEU A 15 5.18 6.43 -11.69
CA LEU A 15 3.72 6.25 -11.75
C LEU A 15 3.28 4.93 -12.39
N ALA A 16 3.82 4.65 -13.56
CA ALA A 16 3.51 3.40 -14.27
C ALA A 16 3.91 2.16 -13.44
N LEU A 17 5.07 2.25 -12.80
CA LEU A 17 5.57 1.13 -12.01
C LEU A 17 4.77 0.92 -10.75
N CYS A 18 4.40 1.99 -10.04
CA CYS A 18 3.57 1.86 -8.85
C CYS A 18 2.19 1.32 -9.25
N SER A 19 1.69 1.76 -10.41
CA SER A 19 0.40 1.26 -10.91
CA SER A 19 0.40 1.26 -10.91
C SER A 19 0.46 -0.26 -11.17
N MET A 20 1.54 -0.71 -11.80
CA MET A 20 1.76 -2.14 -12.05
CA MET A 20 1.76 -2.15 -12.05
C MET A 20 1.80 -2.94 -10.74
N ILE A 21 2.56 -2.45 -9.76
CA ILE A 21 2.63 -3.11 -8.45
C ILE A 21 1.24 -3.20 -7.83
N LEU A 22 0.47 -2.11 -7.90
CA LEU A 22 -0.84 -2.09 -7.30
C LEU A 22 -1.76 -3.08 -7.98
N THR A 23 -1.65 -3.16 -9.29
CA THR A 23 -2.41 -4.14 -10.09
C THR A 23 -2.09 -5.57 -9.62
N GLU A 24 -0.80 -5.85 -9.43
CA GLU A 24 -0.39 -7.18 -8.94
C GLU A 24 -0.98 -7.46 -7.54
N MET A 25 -0.99 -6.44 -6.69
CA MET A 25 -1.58 -6.52 -5.33
CA MET A 25 -1.58 -6.60 -5.35
C MET A 25 -3.08 -6.81 -5.44
N GLU A 26 -3.75 -6.05 -6.29
CA GLU A 26 -5.21 -6.16 -6.44
C GLU A 26 -5.65 -7.50 -6.92
N THR A 27 -4.82 -8.22 -7.68
CA THR A 27 -5.22 -9.48 -8.28
C THR A 27 -4.66 -10.72 -7.51
N HIS A 28 -3.92 -10.45 -6.44
CA HIS A 28 -3.45 -11.51 -5.55
C HIS A 28 -4.64 -12.20 -4.89
N GLU A 29 -4.56 -13.51 -4.77
CA GLU A 29 -5.67 -14.25 -4.17
C GLU A 29 -5.94 -13.85 -2.71
N ASP A 30 -4.91 -13.41 -1.98
CA ASP A 30 -5.05 -12.96 -0.57
C ASP A 30 -5.37 -11.49 -0.38
N ALA A 31 -5.68 -10.79 -1.49
CA ALA A 31 -6.01 -9.38 -1.45
C ALA A 31 -7.40 -9.09 -0.91
N TRP A 32 -8.22 -10.13 -0.81
CA TRP A 32 -9.62 -9.91 -0.53
C TRP A 32 -9.95 -9.05 0.69
N PRO A 33 -9.15 -9.08 1.79
CA PRO A 33 -9.51 -8.19 2.92
C PRO A 33 -9.31 -6.70 2.63
N PHE A 34 -8.53 -6.38 1.60
CA PHE A 34 -7.93 -5.08 1.40
C PHE A 34 -8.49 -4.34 0.19
N LEU A 35 -9.43 -4.91 -0.51
CA LEU A 35 -9.85 -4.37 -1.79
C LEU A 35 -10.68 -3.07 -1.63
N LEU A 36 -11.48 -3.01 -0.57
CA LEU A 36 -12.36 -1.88 -0.25
C LEU A 36 -12.08 -1.41 1.16
N PRO A 37 -12.53 -0.19 1.52
CA PRO A 37 -12.43 0.25 2.90
C PRO A 37 -13.10 -0.79 3.81
N VAL A 38 -12.52 -0.99 4.96
CA VAL A 38 -13.19 -1.77 6.03
C VAL A 38 -14.52 -1.09 6.36
N ASN A 39 -15.60 -1.85 6.39
CA ASN A 39 -16.90 -1.29 6.53
C ASN A 39 -17.15 -0.88 8.01
N LEU A 40 -17.17 0.42 8.23
CA LEU A 40 -17.08 1.02 9.57
C LEU A 40 -18.35 0.88 10.33
N LYS A 41 -19.43 0.53 9.64
CA LYS A 41 -20.73 0.31 10.28
C LYS A 41 -20.92 -1.18 10.63
N LEU A 42 -20.07 -2.01 10.04
CA LEU A 42 -20.12 -3.46 10.16
C LEU A 42 -19.02 -4.09 11.06
N VAL A 43 -17.95 -3.34 11.33
CA VAL A 43 -16.83 -3.86 12.09
C VAL A 43 -16.71 -2.98 13.36
N PRO A 44 -17.28 -3.44 14.48
CA PRO A 44 -17.23 -2.72 15.75
C PRO A 44 -15.79 -2.37 16.10
N GLY A 45 -15.58 -1.16 16.55
CA GLY A 45 -14.27 -0.76 17.06
C GLY A 45 -13.36 -0.18 16.00
N TYR A 46 -13.56 -0.50 14.71
CA TYR A 46 -12.56 -0.18 13.71
C TYR A 46 -12.28 1.31 13.62
N LYS A 47 -13.35 2.07 13.57
CA LYS A 47 -13.23 3.49 13.42
C LYS A 47 -12.47 4.12 14.60
N LYS A 48 -12.70 3.61 15.82
CA LYS A 48 -12.03 4.17 16.99
C LYS A 48 -10.55 3.77 17.03
N VAL A 49 -10.27 2.50 16.80
CA VAL A 49 -8.96 1.95 16.96
C VAL A 49 -8.00 2.37 15.84
N ILE A 50 -8.45 2.36 14.58
CA ILE A 50 -7.59 2.56 13.39
C ILE A 50 -7.77 4.01 12.94
N LYS A 51 -6.81 4.86 13.25
CA LYS A 51 -6.98 6.30 13.05
CA LYS A 51 -6.97 6.29 13.06
C LYS A 51 -6.91 6.73 11.59
N LYS A 52 -6.18 5.98 10.77
CA LYS A 52 -6.00 6.27 9.34
C LYS A 52 -6.28 5.05 8.52
N PRO A 53 -7.57 4.72 8.33
CA PRO A 53 -7.89 3.60 7.47
C PRO A 53 -7.31 3.74 6.05
N MET A 54 -6.93 2.61 5.46
CA MET A 54 -6.48 2.62 4.09
C MET A 54 -6.75 1.27 3.47
N ASP A 55 -6.95 1.28 2.14
CA ASP A 55 -7.22 0.09 1.39
C ASP A 55 -6.79 0.29 -0.04
N PHE A 56 -6.76 -0.81 -0.80
CA PHE A 56 -6.25 -0.77 -2.16
C PHE A 56 -7.11 0.12 -3.09
N SER A 57 -8.44 0.09 -2.96
CA SER A 57 -9.28 0.96 -3.84
C SER A 57 -9.01 2.44 -3.58
N THR A 58 -8.71 2.80 -2.33
CA THR A 58 -8.40 4.22 -1.98
C THR A 58 -7.03 4.61 -2.55
N ILE A 59 -6.08 3.69 -2.43
CA ILE A 59 -4.76 3.89 -3.02
C ILE A 59 -4.86 4.03 -4.56
N ARG A 60 -5.67 3.19 -5.21
CA ARG A 60 -5.86 3.27 -6.64
C ARG A 60 -6.44 4.62 -7.02
N GLU A 61 -7.46 5.06 -6.30
CA GLU A 61 -8.08 6.36 -6.58
C GLU A 61 -7.06 7.51 -6.42
N LYS A 62 -6.28 7.48 -5.37
CA LYS A 62 -5.22 8.44 -5.15
C LYS A 62 -4.15 8.45 -6.20
N LEU A 63 -3.73 7.26 -6.63
CA LEU A 63 -2.77 7.15 -7.68
C LEU A 63 -3.29 7.66 -9.02
N SER A 64 -4.53 7.39 -9.35
CA SER A 64 -5.17 7.86 -10.57
C SER A 64 -5.46 9.36 -10.64
N SER A 65 -5.41 10.05 -9.50
CA SER A 65 -5.84 11.44 -9.41
C SER A 65 -4.71 12.36 -8.94
N GLY A 66 -3.48 11.87 -9.01
CA GLY A 66 -2.32 12.72 -8.72
C GLY A 66 -2.16 13.11 -7.29
N GLN A 67 -2.66 12.27 -6.39
CA GLN A 67 -2.56 12.57 -4.98
C GLN A 67 -1.35 12.00 -4.28
N TYR A 68 -0.48 11.27 -5.00
CA TYR A 68 0.86 10.89 -4.46
C TYR A 68 1.94 11.79 -5.07
N PRO A 69 2.58 12.58 -4.22
CA PRO A 69 3.64 13.39 -4.74
C PRO A 69 4.82 12.65 -5.30
N ASN A 70 5.11 11.52 -4.70
CA ASN A 70 6.28 10.71 -5.04
C ASN A 70 6.03 9.25 -4.65
N LEU A 71 6.93 8.39 -5.12
CA LEU A 71 6.77 6.98 -4.91
C LEU A 71 6.80 6.62 -3.41
N GLU A 72 7.51 7.38 -2.57
CA GLU A 72 7.57 7.05 -1.17
C GLU A 72 6.19 7.23 -0.48
N THR A 73 5.46 8.27 -0.88
CA THR A 73 4.13 8.49 -0.31
C THR A 73 3.19 7.34 -0.69
N PHE A 74 3.38 6.78 -1.88
CA PHE A 74 2.60 5.60 -2.29
C PHE A 74 2.95 4.41 -1.39
N ALA A 75 4.25 4.16 -1.18
CA ALA A 75 4.65 3.02 -0.35
C ALA A 75 4.13 3.18 1.07
N LEU A 76 4.13 4.43 1.59
CA LEU A 76 3.62 4.67 2.95
C LEU A 76 2.16 4.19 3.05
N ASP A 77 1.35 4.53 2.06
CA ASP A 77 -0.09 4.12 2.09
C ASP A 77 -0.24 2.62 1.94
N VAL A 78 0.58 1.98 1.11
CA VAL A 78 0.53 0.51 1.04
C VAL A 78 0.88 -0.14 2.39
N ARG A 79 1.94 0.36 3.01
CA ARG A 79 2.37 -0.20 4.26
C ARG A 79 1.32 0.07 5.35
N LEU A 80 0.65 1.21 5.28
CA LEU A 80 -0.42 1.57 6.24
C LEU A 80 -1.53 0.53 6.18
N VAL A 81 -1.87 0.04 5.01
CA VAL A 81 -2.85 -1.05 4.91
C VAL A 81 -2.42 -2.22 5.82
N PHE A 82 -1.20 -2.68 5.66
CA PHE A 82 -0.71 -3.79 6.42
C PHE A 82 -0.47 -3.52 7.89
N ASP A 83 -0.02 -2.31 8.21
CA ASP A 83 0.13 -1.94 9.60
C ASP A 83 -1.24 -1.90 10.29
N ASN A 84 -2.23 -1.35 9.63
CA ASN A 84 -3.61 -1.39 10.20
C ASN A 84 -4.07 -2.82 10.46
N CYS A 85 -3.81 -3.71 9.50
CA CYS A 85 -4.22 -5.06 9.56
C CYS A 85 -3.64 -5.78 10.76
N GLU A 86 -2.34 -5.56 11.00
CA GLU A 86 -1.67 -6.16 12.15
C GLU A 86 -2.19 -5.58 13.48
N THR A 87 -2.52 -4.29 13.49
CA THR A 87 -3.07 -3.68 14.73
C THR A 87 -4.43 -4.30 15.14
N PHE A 88 -5.26 -4.55 14.16
CA PHE A 88 -6.63 -4.95 14.42
C PHE A 88 -6.87 -6.44 14.45
N ASN A 89 -6.02 -7.20 13.76
CA ASN A 89 -6.28 -8.62 13.54
C ASN A 89 -5.21 -9.53 14.14
N GLU A 90 -5.68 -10.63 14.69
CA GLU A 90 -4.75 -11.64 15.23
CA GLU A 90 -4.75 -11.63 15.24
C GLU A 90 -3.89 -12.15 14.06
N ASP A 91 -2.60 -12.37 14.31
CA ASP A 91 -1.69 -12.96 13.30
C ASP A 91 -2.26 -14.32 12.86
N ASP A 92 -2.83 -15.04 13.83
CA ASP A 92 -3.59 -16.32 13.66
C ASP A 92 -5.07 -16.07 13.41
N SER A 93 -5.33 -15.41 12.29
CA SER A 93 -6.64 -15.26 11.70
C SER A 93 -6.42 -15.27 10.18
N ASP A 94 -7.46 -15.57 9.42
CA ASP A 94 -7.34 -15.47 7.97
C ASP A 94 -6.92 -14.10 7.46
N ILE A 95 -7.52 -13.04 8.01
CA ILE A 95 -7.18 -11.71 7.57
C ILE A 95 -5.75 -11.37 8.01
N GLY A 96 -5.37 -11.77 9.23
CA GLY A 96 -4.04 -11.48 9.76
C GLY A 96 -2.95 -12.17 8.89
N ARG A 97 -3.18 -13.43 8.56
CA ARG A 97 -2.31 -14.20 7.64
C ARG A 97 -2.24 -13.54 6.24
N ALA A 98 -3.39 -13.13 5.70
CA ALA A 98 -3.43 -12.44 4.41
C ALA A 98 -2.57 -11.21 4.40
N GLY A 99 -2.68 -10.39 5.46
CA GLY A 99 -1.90 -9.20 5.59
C GLY A 99 -0.38 -9.44 5.61
N HIS A 100 0.06 -10.41 6.39
CA HIS A 100 1.47 -10.77 6.38
C HIS A 100 1.92 -11.20 4.99
N ASN A 101 1.13 -12.01 4.30
CA ASN A 101 1.46 -12.48 2.97
C ASN A 101 1.55 -11.37 1.97
N MET A 102 0.57 -10.46 2.03
CA MET A 102 0.55 -9.34 1.09
C MET A 102 1.70 -8.36 1.36
N ARG A 103 2.03 -8.13 2.60
CA ARG A 103 3.16 -7.26 2.92
C ARG A 103 4.43 -7.86 2.28
N LYS A 104 4.67 -9.16 2.49
CA LYS A 104 5.87 -9.83 1.95
C LYS A 104 5.89 -9.65 0.41
N TYR A 105 4.74 -9.92 -0.20
CA TYR A 105 4.58 -9.79 -1.62
C TYR A 105 4.92 -8.40 -2.13
N PHE A 106 4.36 -7.41 -1.48
CA PHE A 106 4.64 -6.02 -1.80
C PHE A 106 6.10 -5.67 -1.69
N GLU A 107 6.71 -6.00 -0.56
CA GLU A 107 8.04 -5.50 -0.28
C GLU A 107 9.04 -6.07 -1.30
N LYS A 108 8.86 -7.32 -1.74
CA LYS A 108 9.74 -7.91 -2.74
C LYS A 108 9.55 -7.20 -4.06
N LYS A 109 8.29 -6.91 -4.44
CA LYS A 109 8.09 -6.09 -5.65
C LYS A 109 8.72 -4.73 -5.56
N TRP A 110 8.59 -4.10 -4.39
CA TRP A 110 9.14 -2.78 -4.15
C TRP A 110 10.67 -2.78 -4.34
N THR A 111 11.34 -3.74 -3.71
CA THR A 111 12.77 -3.87 -3.82
CA THR A 111 12.79 -3.83 -3.83
C THR A 111 13.20 -4.17 -5.24
N ASP A 112 12.51 -5.13 -5.85
CA ASP A 112 12.93 -5.53 -7.19
C ASP A 112 12.72 -4.41 -8.20
N THR A 113 11.68 -3.62 -7.99
CA THR A 113 11.35 -2.54 -8.93
C THR A 113 12.25 -1.31 -8.78
N PHE A 114 12.52 -0.90 -7.54
CA PHE A 114 13.05 0.42 -7.30
C PHE A 114 14.43 0.45 -6.68
N LYS A 115 14.84 -0.63 -6.03
CA LYS A 115 16.21 -0.76 -5.54
C LYS A 115 17.03 -1.36 -6.68
N VAL A 116 17.71 -0.48 -7.42
CA VAL A 116 18.38 -0.82 -8.69
C VAL A 116 17.87 -2.12 -9.31
C1 EDO B . -11.49 -11.50 12.34
O1 EDO B . -11.91 -11.71 10.99
C2 EDO B . -10.18 -10.73 12.36
O2 EDO B . -10.34 -9.63 13.30
C1 EDO C . -20.03 -8.03 14.62
O1 EDO C . -21.44 -8.01 14.42
C2 EDO C . -19.33 -8.46 13.33
O2 EDO C . -19.27 -9.89 13.28
C1 EDO D . 1.64 -1.75 13.25
O1 EDO D . 0.71 -2.83 13.43
C2 EDO D . 2.98 -2.28 12.73
O2 EDO D . 2.78 -3.52 12.04
C1 EDO E . 21.49 9.29 -7.11
O1 EDO E . 20.51 8.84 -6.19
C2 EDO E . 21.39 8.53 -8.42
O2 EDO E . 21.40 9.47 -9.49
C1 EDO F . -0.23 -17.66 12.73
O1 EDO F . -0.40 -17.85 14.13
C2 EDO F . -1.11 -18.66 12.00
O2 EDO F . -1.04 -18.40 10.60
C1 EDO G . -14.19 -12.40 7.74
O1 EDO G . -13.10 -13.25 7.36
C2 EDO G . -14.55 -11.41 6.64
O2 EDO G . -15.96 -11.30 6.43
C1 EDO H . -12.90 -5.88 2.09
O1 EDO H . -12.53 -5.52 0.78
C2 EDO H . -12.94 -4.72 3.09
O2 EDO H . -14.25 -4.17 3.18
C1 EDO I . 6.58 -3.50 -11.41
O1 EDO I . 7.96 -3.82 -11.69
C2 EDO I . 5.73 -4.78 -11.20
O2 EDO I . 6.16 -5.58 -10.07
C1 EDO J . -19.73 0.79 15.05
O1 EDO J . -18.59 0.49 15.88
C2 EDO J . -20.04 -0.38 14.12
O2 EDO J . -20.52 -1.51 14.88
C1 EDO K . -3.92 3.30 14.18
O1 EDO K . -4.33 4.56 13.99
C2 EDO K . -3.55 3.04 15.60
O2 EDO K . -3.98 1.70 15.84
C1 EDO L . 11.11 -3.89 5.18
O1 EDO L . 10.69 -5.11 4.53
C2 EDO L . 11.02 -2.71 4.22
O2 EDO L . 10.38 -1.59 4.84
C1 EDO M . 1.68 -15.41 8.24
O1 EDO M . 0.81 -15.74 7.14
C2 EDO M . 1.10 -15.87 9.58
O2 EDO M . 0.49 -14.79 10.31
C01 IR5 N . -8.54 -5.36 6.63
C02 IR5 N . -9.37 -5.76 7.83
O01 IR5 N . -8.99 -5.55 8.98
C03 IR5 N . -10.67 -6.33 7.59
C04 IR5 N . -11.26 -6.56 6.39
C05 IR5 N . -12.56 -7.11 6.62
C06 IR5 N . -13.49 -7.51 5.58
C07 IR5 N . -13.09 -8.52 4.70
C08 IR5 N . -13.97 -8.94 3.70
C09 IR5 N . -15.22 -8.38 3.57
C10 IR5 N . -15.62 -7.37 4.43
C11 IR5 N . -14.78 -6.93 5.46
C12 IR5 N . -15.26 -5.83 6.39
O02 IR5 N . -15.52 -4.63 5.70
C13 IR5 N . -12.67 -7.24 7.99
C14 IR5 N . -13.70 -7.74 8.82
C15 IR5 N . -13.51 -7.75 10.16
O1 IR5 N . -14.46 -8.21 11.04
C16 IR5 N . -15.49 -9.04 10.62
C17 IR5 N . -16.75 -8.50 10.43
C18 IR5 N . -17.78 -9.35 10.02
C19 IR5 N . -17.56 -10.70 9.84
C20 IR5 N . -16.31 -11.23 10.07
C21 IR5 N . -15.25 -10.40 10.43
C22 IR5 N . -12.38 -7.26 10.75
C1 IR5 N . -11.38 -6.75 9.97
N1 IR5 N . -11.52 -6.74 8.61
#